data_5GI4
#
_entry.id   5GI4
#
_cell.length_a   55.617
_cell.length_b   86.985
_cell.length_c   117.851
_cell.angle_alpha   90.000
_cell.angle_beta   90.000
_cell.angle_gamma   90.000
#
_symmetry.space_group_name_H-M   'P 21 21 21'
#
loop_
_entity.id
_entity.type
_entity.pdbx_description
1 polymer 'ATP-dependent RNA helicase DeaD'
2 water water
#
_entity_poly.entity_id   1
_entity_poly.type   'polypeptide(L)'
_entity_poly.pdbx_seq_one_letter_code
;PDISQSYWTVWGMRKNEALVRFLEAEDFDAAIIFVRTKNATLEVAEALERNGYNSAALNGDMNQALREQTLERLKDGRLD
ILIATDVAARGLDVERISLVVNYDIPMDSESYVHRIGRTGRAGRAGRALLFVENRERRLLRNIERTMKLTIPEVELPNAE
LLGKRRLEKFAAKVQQQLESSDLDQYRALLSKIQPTAEGEELDLETLAAALLKMAQGERTLIVPPDAP
;
_entity_poly.pdbx_strand_id   A,B
#
# COMPACT_ATOMS: atom_id res chain seq x y z
N PRO A 1 7.11 -29.86 -26.67
CA PRO A 1 7.16 -28.64 -25.86
C PRO A 1 8.35 -27.74 -26.21
N ASP A 2 8.06 -26.47 -26.47
CA ASP A 2 9.08 -25.43 -26.62
C ASP A 2 8.41 -24.16 -26.11
N ILE A 3 8.97 -23.37 -25.17
CA ILE A 3 10.29 -23.38 -24.50
C ILE A 3 11.46 -22.87 -25.37
N SER A 4 11.52 -21.55 -25.51
CA SER A 4 12.71 -20.88 -26.04
C SER A 4 13.67 -20.59 -24.90
N GLN A 5 14.93 -20.89 -25.11
CA GLN A 5 15.92 -20.78 -24.05
C GLN A 5 16.91 -19.67 -24.36
N SER A 6 17.40 -19.01 -23.31
CA SER A 6 18.43 -18.00 -23.50
C SER A 6 19.16 -17.82 -22.18
N TYR A 7 20.25 -17.06 -22.24
CA TYR A 7 21.05 -16.86 -21.04
C TYR A 7 21.64 -15.47 -21.07
N TRP A 8 21.91 -14.97 -19.87
CA TRP A 8 22.46 -13.63 -19.66
C TRP A 8 23.77 -13.81 -18.89
N THR A 9 24.85 -13.24 -19.41
CA THR A 9 26.12 -13.16 -18.68
C THR A 9 25.97 -12.09 -17.61
N VAL A 10 26.23 -12.43 -16.36
CA VAL A 10 26.01 -11.49 -15.27
C VAL A 10 27.06 -10.39 -15.41
N TRP A 11 26.60 -9.17 -15.72
CA TRP A 11 27.54 -8.09 -16.02
C TRP A 11 26.83 -6.76 -15.86
N GLY A 12 27.42 -5.87 -15.08
CA GLY A 12 26.98 -4.49 -15.04
C GLY A 12 25.86 -4.21 -14.08
N MET A 13 25.09 -5.22 -13.68
CA MET A 13 24.24 -5.15 -12.51
C MET A 13 24.17 -6.52 -11.86
N ARG A 14 23.83 -6.52 -10.58
CA ARG A 14 23.71 -7.75 -9.81
C ARG A 14 22.50 -8.55 -10.28
N LYS A 15 22.52 -9.83 -9.92
CA LYS A 15 21.49 -10.76 -10.38
C LYS A 15 20.08 -10.32 -10.00
N ASN A 16 19.90 -9.70 -8.82
CA ASN A 16 18.56 -9.38 -8.33
C ASN A 16 17.93 -8.24 -9.15
N GLU A 17 18.66 -7.14 -9.29
CA GLU A 17 18.15 -6.05 -10.11
C GLU A 17 17.94 -6.51 -11.55
N ALA A 18 18.82 -7.39 -12.03
CA ALA A 18 18.69 -7.90 -13.40
C ALA A 18 17.45 -8.76 -13.57
N LEU A 19 17.13 -9.59 -12.58
CA LEU A 19 15.91 -10.38 -12.63
C LEU A 19 14.67 -9.49 -12.68
N VAL A 20 14.62 -8.47 -11.82
CA VAL A 20 13.53 -7.49 -11.89
C VAL A 20 13.44 -6.90 -13.29
N ARG A 21 14.59 -6.60 -13.91
CA ARG A 21 14.57 -6.00 -15.24
C ARG A 21 14.00 -6.98 -16.27
N PHE A 22 14.47 -8.24 -16.27
CA PHE A 22 13.94 -9.22 -17.22
C PHE A 22 12.46 -9.51 -16.97
N LEU A 23 12.00 -9.45 -15.72
CA LEU A 23 10.58 -9.72 -15.46
C LEU A 23 9.71 -8.62 -16.07
N GLU A 24 10.07 -7.36 -15.88
CA GLU A 24 9.33 -6.23 -16.45
C GLU A 24 9.35 -6.20 -17.96
N ALA A 25 10.41 -6.69 -18.59
CA ALA A 25 10.65 -6.42 -20.00
C ALA A 25 9.77 -7.22 -20.94
N GLU A 26 9.11 -8.26 -20.45
CA GLU A 26 8.39 -9.18 -21.32
C GLU A 26 7.24 -9.79 -20.53
N ASP A 27 6.11 -10.02 -21.21
CA ASP A 27 4.95 -10.55 -20.51
C ASP A 27 5.22 -11.97 -20.00
N PHE A 28 4.82 -12.23 -18.76
CA PHE A 28 4.75 -13.59 -18.25
C PHE A 28 3.47 -13.74 -17.45
N ASP A 29 3.01 -14.98 -17.36
CA ASP A 29 1.82 -15.32 -16.57
C ASP A 29 2.24 -15.59 -15.12
N ALA A 30 2.72 -16.81 -14.84
CA ALA A 30 3.45 -17.12 -13.63
C ALA A 30 4.89 -17.52 -13.96
N ALA A 31 5.79 -17.29 -13.01
CA ALA A 31 7.22 -17.59 -13.18
C ALA A 31 7.74 -18.38 -11.99
N ILE A 32 8.69 -19.28 -12.25
CA ILE A 32 9.42 -19.94 -11.18
C ILE A 32 10.91 -19.61 -11.32
N ILE A 33 11.51 -19.23 -10.21
CA ILE A 33 12.91 -18.83 -10.13
C ILE A 33 13.66 -19.94 -9.38
N PHE A 34 14.58 -20.63 -10.05
CA PHE A 34 15.34 -21.67 -9.37
C PHE A 34 16.64 -21.11 -8.79
N VAL A 35 16.85 -21.35 -7.50
CA VAL A 35 18.04 -20.94 -6.79
C VAL A 35 18.62 -22.19 -6.16
N ARG A 36 19.86 -22.09 -5.68
CA ARG A 36 20.55 -23.21 -5.06
C ARG A 36 20.48 -23.22 -3.54
N THR A 37 20.74 -22.07 -2.93
CA THR A 37 20.67 -21.93 -1.48
C THR A 37 19.26 -21.52 -1.08
N LYS A 38 18.72 -22.16 -0.05
CA LYS A 38 17.40 -21.79 0.45
C LYS A 38 17.39 -20.49 1.24
N ASN A 39 18.56 -19.90 1.50
CA ASN A 39 18.58 -18.50 1.91
C ASN A 39 18.16 -17.59 0.75
N ALA A 40 18.66 -17.88 -0.45
CA ALA A 40 18.31 -17.07 -1.60
C ALA A 40 16.83 -17.24 -1.93
N THR A 41 16.31 -18.46 -1.77
CA THR A 41 14.88 -18.73 -1.85
C THR A 41 14.13 -17.64 -1.08
N LEU A 42 14.64 -17.27 0.10
CA LEU A 42 13.98 -16.24 0.90
C LEU A 42 14.39 -14.81 0.55
N GLU A 43 15.61 -14.57 0.03
CA GLU A 43 16.02 -13.17 -0.11
C GLU A 43 15.61 -12.61 -1.46
N VAL A 44 15.82 -13.36 -2.55
CA VAL A 44 15.20 -13.01 -3.83
C VAL A 44 13.72 -12.72 -3.63
N ALA A 45 13.08 -13.52 -2.77
CA ALA A 45 11.65 -13.40 -2.48
C ALA A 45 11.22 -11.95 -2.27
N GLU A 46 11.78 -11.31 -1.25
CA GLU A 46 11.38 -9.94 -0.93
C GLU A 46 12.23 -8.92 -1.67
N ALA A 47 13.18 -9.35 -2.51
CA ALA A 47 13.62 -8.45 -3.59
C ALA A 47 12.51 -8.32 -4.64
N LEU A 48 11.84 -9.42 -4.97
CA LEU A 48 10.71 -9.40 -5.89
C LEU A 48 9.51 -8.65 -5.35
N GLU A 49 9.34 -8.71 -4.04
CA GLU A 49 8.16 -8.11 -3.45
C GLU A 49 8.34 -6.60 -3.23
N ARG A 50 9.57 -6.15 -2.92
CA ARG A 50 9.82 -4.70 -2.89
C ARG A 50 9.83 -4.07 -4.28
N ASN A 51 9.77 -4.89 -5.33
CA ASN A 51 9.45 -4.42 -6.67
C ASN A 51 8.02 -4.79 -7.05
N GLY A 52 7.17 -5.05 -6.06
CA GLY A 52 5.73 -5.14 -6.30
C GLY A 52 5.21 -6.48 -6.77
N TYR A 53 6.04 -7.52 -6.80
CA TYR A 53 5.52 -8.80 -7.25
C TYR A 53 4.97 -9.60 -6.07
N ASN A 54 4.09 -10.55 -6.37
CA ASN A 54 3.57 -11.46 -5.36
C ASN A 54 4.31 -12.77 -5.51
N SER A 55 5.11 -13.09 -4.50
CA SER A 55 6.05 -14.18 -4.61
C SER A 55 6.22 -14.85 -3.25
N ALA A 56 6.61 -16.10 -3.29
CA ALA A 56 6.80 -16.86 -2.07
C ALA A 56 7.92 -17.86 -2.28
N ALA A 57 8.61 -18.14 -1.19
CA ALA A 57 9.65 -19.14 -1.19
C ALA A 57 9.05 -20.54 -1.22
N LEU A 58 9.85 -21.48 -1.72
CA LEU A 58 9.45 -22.88 -1.77
C LEU A 58 10.72 -23.70 -1.55
N ASN A 59 11.01 -23.99 -0.29
CA ASN A 59 12.25 -24.63 0.11
C ASN A 59 11.93 -25.87 0.94
N GLY A 60 12.98 -26.63 1.26
CA GLY A 60 12.80 -27.91 1.93
C GLY A 60 12.40 -27.81 3.39
N ASP A 61 12.36 -26.60 3.97
CA ASP A 61 12.10 -26.41 5.40
C ASP A 61 10.71 -25.84 5.68
N MET A 62 9.71 -26.16 4.84
CA MET A 62 8.40 -25.53 5.02
C MET A 62 7.33 -26.44 4.40
N ASN A 63 6.88 -27.43 5.18
CA ASN A 63 6.23 -28.58 4.57
C ASN A 63 5.17 -29.21 5.47
N GLN A 64 4.34 -30.11 4.95
CA GLN A 64 4.17 -30.44 3.53
C GLN A 64 2.90 -29.74 3.09
N ALA A 65 2.16 -29.30 4.10
CA ALA A 65 0.92 -28.56 3.87
C ALA A 65 1.23 -27.16 3.35
N LEU A 66 2.23 -26.49 3.94
CA LEU A 66 2.54 -25.12 3.53
C LEU A 66 3.03 -25.09 2.10
N ARG A 67 3.76 -26.13 1.67
CA ARG A 67 4.01 -26.25 0.24
C ARG A 67 2.71 -26.16 -0.54
N GLU A 68 1.87 -27.19 -0.41
CA GLU A 68 0.71 -27.34 -1.28
C GLU A 68 -0.23 -26.14 -1.20
N GLN A 69 -0.25 -25.42 -0.07
CA GLN A 69 -0.98 -24.16 -0.01
C GLN A 69 -0.31 -23.09 -0.88
N THR A 70 1.03 -23.02 -0.82
CA THR A 70 1.76 -22.06 -1.65
C THR A 70 1.48 -22.30 -3.13
N LEU A 71 1.47 -23.56 -3.56
CA LEU A 71 1.21 -23.83 -4.97
C LEU A 71 -0.20 -23.44 -5.36
N GLU A 72 -1.19 -23.67 -4.48
CA GLU A 72 -2.56 -23.31 -4.85
C GLU A 72 -2.72 -21.79 -4.93
N ARG A 73 -2.06 -21.06 -4.02
CA ARG A 73 -1.97 -19.61 -4.19
C ARG A 73 -1.29 -19.23 -5.52
N LEU A 74 -0.29 -19.99 -5.94
CA LEU A 74 0.25 -19.72 -7.26
C LEU A 74 -0.79 -20.04 -8.33
N LYS A 75 -1.52 -21.15 -8.16
CA LYS A 75 -2.40 -21.60 -9.23
C LYS A 75 -3.66 -20.74 -9.34
N ASP A 76 -4.23 -20.28 -8.22
CA ASP A 76 -5.39 -19.39 -8.29
C ASP A 76 -5.02 -17.92 -8.47
N GLY A 77 -3.74 -17.59 -8.64
CA GLY A 77 -3.35 -16.22 -8.92
C GLY A 77 -3.10 -15.32 -7.73
N ARG A 78 -3.18 -15.82 -6.50
CA ARG A 78 -2.78 -15.01 -5.35
C ARG A 78 -1.26 -14.86 -5.25
N LEU A 79 -0.51 -15.67 -5.99
CA LEU A 79 0.94 -15.52 -6.18
C LEU A 79 1.22 -15.62 -7.68
N ASP A 80 2.27 -14.92 -8.14
CA ASP A 80 2.70 -15.03 -9.52
C ASP A 80 4.11 -15.58 -9.68
N ILE A 81 4.91 -15.68 -8.61
CA ILE A 81 6.30 -16.10 -8.72
C ILE A 81 6.65 -17.00 -7.57
N LEU A 82 7.09 -18.21 -7.85
CA LEU A 82 7.74 -19.05 -6.85
C LEU A 82 9.25 -19.05 -7.01
N ILE A 83 9.96 -18.93 -5.90
CA ILE A 83 11.42 -19.07 -5.85
C ILE A 83 11.72 -20.41 -5.18
N ALA A 84 12.20 -21.38 -5.96
CA ALA A 84 12.31 -22.76 -5.51
C ALA A 84 13.75 -23.25 -5.51
N THR A 85 14.04 -24.17 -4.58
CA THR A 85 15.20 -25.05 -4.71
C THR A 85 14.75 -26.34 -5.41
N ASP A 86 15.71 -27.15 -5.83
CA ASP A 86 15.34 -28.36 -6.58
C ASP A 86 14.66 -29.39 -5.69
N VAL A 87 15.12 -29.55 -4.45
CA VAL A 87 14.47 -30.51 -3.55
C VAL A 87 12.99 -30.16 -3.42
N ALA A 88 12.68 -28.96 -2.92
CA ALA A 88 11.31 -28.56 -2.62
C ALA A 88 10.41 -28.52 -3.85
N ALA A 89 10.91 -28.92 -5.00
CA ALA A 89 10.10 -28.85 -6.21
C ALA A 89 10.14 -30.13 -7.02
N ARG A 90 10.40 -31.27 -6.36
CA ARG A 90 10.31 -32.55 -7.08
C ARG A 90 8.90 -32.76 -7.62
N GLY A 91 7.91 -32.78 -6.75
CA GLY A 91 6.54 -32.70 -7.22
C GLY A 91 6.24 -31.38 -7.90
N LEU A 92 5.71 -31.44 -9.13
CA LEU A 92 5.17 -30.27 -9.84
C LEU A 92 3.69 -30.17 -9.31
N ASP A 93 2.63 -29.71 -10.00
CA ASP A 93 2.52 -29.11 -11.33
C ASP A 93 1.61 -27.89 -11.25
N VAL A 94 2.06 -26.75 -11.75
CA VAL A 94 1.21 -25.58 -11.92
C VAL A 94 1.04 -25.35 -13.42
N GLU A 95 -0.18 -25.03 -13.84
CA GLU A 95 -0.30 -24.76 -15.27
C GLU A 95 -0.38 -23.27 -15.56
N ARG A 96 0.21 -22.45 -14.71
CA ARG A 96 0.30 -21.03 -15.01
C ARG A 96 1.71 -20.58 -15.36
N ILE A 97 2.72 -21.44 -15.17
CA ILE A 97 4.12 -21.07 -15.34
C ILE A 97 4.51 -20.93 -16.81
N SER A 98 4.72 -19.68 -17.26
CA SER A 98 5.23 -19.45 -18.61
C SER A 98 6.71 -19.07 -18.63
N LEU A 99 7.32 -18.88 -17.47
CA LEU A 99 8.71 -18.42 -17.38
C LEU A 99 9.43 -19.20 -16.30
N VAL A 100 10.56 -19.82 -16.66
CA VAL A 100 11.49 -20.46 -15.73
C VAL A 100 12.80 -19.69 -15.77
N VAL A 101 13.24 -19.18 -14.63
CA VAL A 101 14.53 -18.51 -14.56
C VAL A 101 15.49 -19.40 -13.77
N ASN A 102 16.58 -19.82 -14.41
CA ASN A 102 17.70 -20.45 -13.72
C ASN A 102 18.59 -19.36 -13.16
N TYR A 103 18.16 -18.84 -12.02
CA TYR A 103 18.86 -17.73 -11.38
C TYR A 103 20.27 -18.14 -10.97
N ASP A 104 20.42 -19.37 -10.46
CA ASP A 104 21.72 -19.98 -10.19
C ASP A 104 21.90 -21.09 -11.20
N ILE A 105 23.05 -21.13 -11.85
CA ILE A 105 23.21 -22.09 -12.94
C ILE A 105 23.17 -23.51 -12.36
N PRO A 106 22.50 -24.46 -13.02
CA PRO A 106 22.51 -25.84 -12.53
C PRO A 106 23.91 -26.43 -12.59
N MET A 107 24.14 -27.42 -11.72
CA MET A 107 25.42 -28.11 -11.66
C MET A 107 25.58 -29.16 -12.76
N ASP A 108 24.55 -29.42 -13.57
CA ASP A 108 24.69 -30.40 -14.64
C ASP A 108 23.50 -30.30 -15.59
N SER A 109 23.70 -30.89 -16.76
CA SER A 109 22.72 -30.79 -17.83
C SER A 109 21.36 -31.33 -17.42
N GLU A 110 21.33 -32.50 -16.78
CA GLU A 110 20.05 -33.14 -16.45
C GLU A 110 19.22 -32.26 -15.51
N SER A 111 19.86 -31.66 -14.51
CA SER A 111 19.20 -30.66 -13.68
C SER A 111 18.60 -29.51 -14.52
N TYR A 112 19.37 -28.99 -15.49
CA TYR A 112 18.87 -27.87 -16.30
C TYR A 112 17.64 -28.28 -17.09
N VAL A 113 17.68 -29.47 -17.70
CA VAL A 113 16.51 -30.00 -18.39
C VAL A 113 15.32 -30.11 -17.44
N HIS A 114 15.55 -30.68 -16.24
CA HIS A 114 14.44 -30.83 -15.29
C HIS A 114 13.81 -29.49 -14.97
N ARG A 115 14.65 -28.50 -14.63
CA ARG A 115 14.11 -27.20 -14.27
C ARG A 115 13.34 -26.56 -15.43
N ILE A 116 13.89 -26.66 -16.65
CA ILE A 116 13.24 -26.07 -17.82
C ILE A 116 11.83 -26.63 -17.99
N GLY A 117 11.66 -27.92 -17.72
CA GLY A 117 10.42 -28.66 -17.98
C GLY A 117 9.22 -28.16 -17.22
N ARG A 118 9.41 -27.30 -16.22
CA ARG A 118 8.28 -26.71 -15.51
C ARG A 118 7.49 -25.74 -16.38
N THR A 119 7.98 -25.39 -17.56
CA THR A 119 7.23 -24.58 -18.51
C THR A 119 7.13 -25.37 -19.81
N GLY A 120 6.32 -24.85 -20.73
CA GLY A 120 6.04 -25.59 -21.94
C GLY A 120 5.11 -26.76 -21.77
N ARG A 121 4.41 -26.86 -20.64
CA ARG A 121 3.50 -27.97 -20.41
C ARG A 121 2.14 -27.67 -21.04
N ALA A 122 1.32 -28.72 -21.15
CA ALA A 122 0.12 -28.71 -21.98
C ALA A 122 0.42 -28.23 -23.41
N GLY A 123 1.69 -28.38 -23.82
CA GLY A 123 2.14 -27.97 -25.13
C GLY A 123 2.13 -26.48 -25.40
N ARG A 124 1.74 -25.64 -24.43
CA ARG A 124 1.70 -24.19 -24.63
C ARG A 124 3.11 -23.60 -24.67
N ALA A 125 3.21 -22.36 -25.15
CA ALA A 125 4.50 -21.71 -25.32
C ALA A 125 5.08 -21.26 -23.98
N GLY A 126 6.39 -21.46 -23.81
CA GLY A 126 7.07 -21.09 -22.59
C GLY A 126 8.48 -20.59 -22.84
N ARG A 127 9.05 -19.97 -21.82
CA ARG A 127 10.35 -19.32 -21.90
C ARG A 127 11.24 -19.80 -20.75
N ALA A 128 12.54 -20.01 -21.04
CA ALA A 128 13.52 -20.24 -20.00
C ALA A 128 14.66 -19.24 -20.14
N LEU A 129 15.13 -18.72 -19.01
CA LEU A 129 16.19 -17.75 -18.98
C LEU A 129 17.23 -18.19 -17.95
N LEU A 130 18.51 -18.20 -18.32
CA LEU A 130 19.60 -18.67 -17.45
C LEU A 130 20.54 -17.51 -17.10
N PHE A 131 20.92 -17.39 -15.82
CA PHE A 131 21.97 -16.46 -15.39
C PHE A 131 23.33 -17.17 -15.29
N VAL A 132 24.36 -16.60 -15.95
CA VAL A 132 25.70 -17.21 -16.01
C VAL A 132 26.75 -16.19 -15.59
N GLU A 133 27.33 -16.39 -14.42
CA GLU A 133 28.47 -15.55 -14.07
C GLU A 133 29.70 -15.95 -14.89
N ASN A 134 30.67 -15.02 -15.03
CA ASN A 134 31.92 -15.33 -15.74
C ASN A 134 32.59 -16.57 -15.18
N ARG A 135 32.73 -16.65 -13.85
CA ARG A 135 33.44 -17.77 -13.24
C ARG A 135 32.75 -19.11 -13.45
N GLU A 136 31.50 -19.09 -13.93
CA GLU A 136 30.66 -20.28 -14.10
C GLU A 136 30.57 -20.72 -15.56
N ARG A 137 31.35 -20.11 -16.44
CA ARG A 137 31.15 -20.44 -17.85
C ARG A 137 31.48 -21.90 -18.15
N ARG A 138 32.39 -22.51 -17.37
CA ARG A 138 32.61 -23.96 -17.47
C ARG A 138 31.31 -24.72 -17.32
N LEU A 139 30.58 -24.43 -16.24
CA LEU A 139 29.30 -25.08 -15.99
C LEU A 139 28.35 -24.90 -17.17
N LEU A 140 28.30 -23.70 -17.75
CA LEU A 140 27.44 -23.49 -18.90
C LEU A 140 27.90 -24.33 -20.09
N ARG A 141 29.21 -24.33 -20.36
CA ARG A 141 29.69 -25.14 -21.48
C ARG A 141 29.43 -26.62 -21.24
N ASN A 142 29.59 -27.09 -20.00
CA ASN A 142 29.21 -28.47 -19.66
C ASN A 142 27.74 -28.74 -20.02
N ILE A 143 26.84 -27.83 -19.64
CA ILE A 143 25.43 -28.03 -19.96
C ILE A 143 25.22 -28.06 -21.46
N GLU A 144 25.86 -27.13 -22.17
CA GLU A 144 25.67 -27.04 -23.60
C GLU A 144 26.20 -28.28 -24.31
N ARG A 145 27.39 -28.73 -23.92
CA ARG A 145 27.97 -29.94 -24.50
C ARG A 145 27.05 -31.15 -24.34
N THR A 146 26.82 -31.61 -23.10
CA THR A 146 25.94 -32.73 -22.82
C THR A 146 24.65 -32.67 -23.64
N MET A 147 24.06 -31.47 -23.76
CA MET A 147 22.74 -31.33 -24.37
C MET A 147 22.74 -31.32 -25.89
N LYS A 148 23.91 -31.37 -26.55
CA LYS A 148 24.12 -31.23 -27.99
C LYS A 148 23.76 -29.83 -28.53
N LEU A 149 23.39 -28.88 -27.67
CA LEU A 149 22.80 -27.62 -28.15
C LEU A 149 23.37 -26.43 -27.38
N THR A 150 23.55 -25.32 -28.09
CA THR A 150 23.99 -24.07 -27.48
C THR A 150 22.77 -23.27 -27.01
N ILE A 151 22.98 -22.43 -26.01
CA ILE A 151 21.93 -21.55 -25.49
C ILE A 151 22.23 -20.13 -25.94
N PRO A 152 21.32 -19.47 -26.68
CA PRO A 152 21.58 -18.11 -27.16
C PRO A 152 21.81 -17.11 -26.01
N GLU A 153 22.82 -16.25 -26.19
CA GLU A 153 23.08 -15.16 -25.25
C GLU A 153 22.19 -13.97 -25.59
N VAL A 154 21.70 -13.27 -24.57
CA VAL A 154 20.83 -12.11 -24.76
C VAL A 154 21.36 -10.98 -23.91
N GLU A 155 21.06 -9.77 -24.34
CA GLU A 155 21.43 -8.57 -23.64
C GLU A 155 20.48 -8.34 -22.49
N LEU A 156 20.96 -7.60 -21.50
CA LEU A 156 20.07 -7.04 -20.51
C LEU A 156 19.04 -6.14 -21.21
N PRO A 157 17.75 -6.29 -20.92
CA PRO A 157 16.76 -5.34 -21.46
C PRO A 157 17.15 -3.93 -21.08
N ASN A 158 17.22 -3.04 -22.06
CA ASN A 158 17.86 -1.78 -21.72
C ASN A 158 16.84 -0.78 -21.16
N ALA A 159 17.35 0.38 -20.76
CA ALA A 159 16.57 1.37 -20.05
C ALA A 159 15.49 1.95 -20.95
N GLU A 160 15.80 2.13 -22.24
CA GLU A 160 14.82 2.65 -23.18
C GLU A 160 13.66 1.70 -23.35
N LEU A 161 13.96 0.40 -23.49
CA LEU A 161 12.90 -0.60 -23.58
C LEU A 161 12.03 -0.60 -22.35
N LEU A 162 12.64 -0.46 -21.17
CA LEU A 162 11.87 -0.39 -19.93
C LEU A 162 10.97 0.83 -19.91
N GLY A 163 11.51 1.99 -20.33
CA GLY A 163 10.68 3.17 -20.44
C GLY A 163 9.51 2.98 -21.39
N LYS A 164 9.76 2.32 -22.52
CA LYS A 164 8.68 2.03 -23.44
C LYS A 164 7.64 1.13 -22.80
N ARG A 165 8.06 0.06 -22.11
CA ARG A 165 7.09 -0.84 -21.47
C ARG A 165 6.26 -0.10 -20.43
N ARG A 166 6.93 0.65 -19.54
CA ARG A 166 6.19 1.33 -18.49
C ARG A 166 5.20 2.33 -19.07
N LEU A 167 5.63 3.10 -20.08
CA LEU A 167 4.75 4.05 -20.74
C LEU A 167 3.54 3.35 -21.36
N GLU A 168 3.76 2.22 -22.03
CA GLU A 168 2.64 1.53 -22.69
C GLU A 168 1.59 1.11 -21.68
N LYS A 169 2.02 0.48 -20.59
CA LYS A 169 1.08 0.02 -19.59
C LYS A 169 0.35 1.20 -18.96
N PHE A 170 1.08 2.28 -18.70
CA PHE A 170 0.47 3.42 -18.04
C PHE A 170 -0.57 4.09 -18.95
N ALA A 171 -0.21 4.31 -20.22
CA ALA A 171 -1.13 4.97 -21.13
C ALA A 171 -2.42 4.17 -21.31
N ALA A 172 -2.35 2.85 -21.14
CA ALA A 172 -3.58 2.06 -21.19
C ALA A 172 -4.42 2.24 -19.93
N LYS A 173 -3.80 2.45 -18.76
CA LYS A 173 -4.58 2.83 -17.59
C LYS A 173 -5.12 4.23 -17.73
N VAL A 174 -4.34 5.15 -18.30
CA VAL A 174 -4.80 6.52 -18.53
C VAL A 174 -6.04 6.52 -19.41
N GLN A 175 -6.01 5.73 -20.49
CA GLN A 175 -7.17 5.70 -21.38
C GLN A 175 -8.43 5.32 -20.63
N GLN A 176 -8.34 4.33 -19.73
CA GLN A 176 -9.50 3.90 -18.96
C GLN A 176 -10.09 5.05 -18.13
N GLN A 177 -9.24 5.74 -17.38
CA GLN A 177 -9.71 6.90 -16.63
C GLN A 177 -10.18 8.05 -17.54
N LEU A 178 -9.71 8.13 -18.78
CA LEU A 178 -10.22 9.16 -19.67
C LEU A 178 -11.63 8.83 -20.17
N GLU A 179 -12.11 7.61 -19.97
CA GLU A 179 -13.45 7.22 -20.36
C GLU A 179 -14.35 6.94 -19.16
N SER A 180 -13.94 7.38 -17.96
CA SER A 180 -14.73 7.11 -16.76
C SER A 180 -15.78 8.20 -16.55
N SER A 181 -16.83 7.81 -15.83
CA SER A 181 -18.08 8.58 -15.83
C SER A 181 -17.96 9.91 -15.09
N ASP A 182 -17.19 9.93 -14.01
CA ASP A 182 -17.19 11.06 -13.10
C ASP A 182 -16.13 12.11 -13.45
N LEU A 183 -15.54 12.04 -14.64
CA LEU A 183 -14.32 12.80 -14.91
C LEU A 183 -14.53 14.30 -14.79
N ASP A 184 -15.73 14.80 -15.12
CA ASP A 184 -15.93 16.24 -15.03
C ASP A 184 -15.88 16.75 -13.60
N GLN A 185 -16.31 15.94 -12.62
CA GLN A 185 -16.12 16.33 -11.23
C GLN A 185 -14.65 16.58 -10.92
N TYR A 186 -13.75 15.74 -11.47
CA TYR A 186 -12.33 15.94 -11.26
C TYR A 186 -11.84 17.15 -12.02
N ARG A 187 -12.33 17.35 -13.25
CA ARG A 187 -12.01 18.55 -14.01
C ARG A 187 -12.21 19.83 -13.20
N ALA A 188 -13.31 19.92 -12.45
CA ALA A 188 -13.58 21.14 -11.68
C ALA A 188 -12.58 21.36 -10.53
N LEU A 189 -11.94 20.30 -10.03
CA LEU A 189 -11.02 20.42 -8.89
C LEU A 189 -9.64 20.93 -9.26
N LEU A 190 -9.30 21.05 -10.54
CA LEU A 190 -7.94 21.44 -10.90
C LEU A 190 -7.63 22.87 -10.47
N SER A 191 -8.58 23.79 -10.69
CA SER A 191 -8.39 25.19 -10.32
C SER A 191 -8.16 25.39 -8.83
N LYS A 192 -8.56 24.42 -8.00
CA LYS A 192 -8.59 24.56 -6.55
C LYS A 192 -7.32 24.10 -5.85
N ILE A 193 -6.29 23.69 -6.58
CA ILE A 193 -5.19 23.03 -5.91
C ILE A 193 -4.20 24.06 -5.37
N GLN A 194 -3.34 24.61 -6.25
CA GLN A 194 -2.18 25.44 -5.88
C GLN A 194 -1.57 25.07 -4.53
N ASP A 203 -0.07 27.00 -13.82
CA ASP A 203 -0.49 26.69 -15.18
C ASP A 203 -0.72 25.19 -15.36
N LEU A 204 -1.64 24.86 -16.27
CA LEU A 204 -2.07 23.48 -16.45
C LEU A 204 -0.90 22.54 -16.65
N GLU A 205 -0.06 22.82 -17.66
CA GLU A 205 1.01 21.88 -18.01
C GLU A 205 1.87 21.54 -16.81
N THR A 206 2.22 22.55 -16.00
CA THR A 206 3.07 22.29 -14.84
C THR A 206 2.35 21.40 -13.84
N LEU A 207 1.06 21.67 -13.62
CA LEU A 207 0.28 20.86 -12.70
C LEU A 207 0.13 19.43 -13.20
N ALA A 208 -0.13 19.28 -14.50
CA ALA A 208 -0.32 17.94 -15.06
C ALA A 208 0.96 17.11 -14.97
N ALA A 209 2.11 17.74 -15.18
CA ALA A 209 3.38 17.03 -15.05
C ALA A 209 3.54 16.50 -13.65
N ALA A 210 3.30 17.34 -12.64
CA ALA A 210 3.35 16.89 -11.25
C ALA A 210 2.32 15.81 -10.96
N LEU A 211 1.09 15.95 -11.51
CA LEU A 211 0.12 14.88 -11.35
C LEU A 211 0.59 13.61 -12.02
N LEU A 212 1.21 13.71 -13.19
CA LEU A 212 1.74 12.51 -13.84
C LEU A 212 2.73 11.80 -12.91
N LYS A 213 3.66 12.56 -12.34
CA LYS A 213 4.63 12.01 -11.41
C LYS A 213 3.95 11.32 -10.24
N MET A 214 2.82 11.87 -9.77
CA MET A 214 2.15 11.25 -8.63
C MET A 214 1.27 10.08 -9.07
N ALA A 215 0.79 10.10 -10.30
CA ALA A 215 -0.07 9.03 -10.79
C ALA A 215 0.71 7.81 -11.27
N GLN A 216 1.99 7.97 -11.63
CA GLN A 216 2.68 6.91 -12.35
C GLN A 216 2.90 5.69 -11.48
N GLY A 217 2.99 5.88 -10.16
CA GLY A 217 3.18 4.78 -9.25
C GLY A 217 4.65 4.59 -8.95
N GLU A 218 5.06 3.35 -8.67
CA GLU A 218 6.46 3.12 -8.31
C GLU A 218 7.34 2.88 -9.54
N ARG A 219 6.80 2.29 -10.60
CA ARG A 219 7.53 2.11 -11.86
C ARG A 219 7.66 3.45 -12.57
N THR A 220 8.67 4.22 -12.17
CA THR A 220 8.83 5.56 -12.73
C THR A 220 8.93 5.49 -14.25
N LEU A 221 8.26 6.44 -14.92
CA LEU A 221 8.27 6.47 -16.38
C LEU A 221 9.55 7.08 -16.93
N ILE A 222 10.28 7.82 -16.10
CA ILE A 222 11.55 8.42 -16.51
C ILE A 222 12.62 7.48 -15.95
N VAL A 223 13.16 6.62 -16.81
CA VAL A 223 14.14 5.62 -16.40
C VAL A 223 15.53 6.22 -16.56
N PRO A 224 16.34 6.26 -15.49
CA PRO A 224 17.73 6.70 -15.66
C PRO A 224 18.52 5.69 -16.45
N PRO A 225 19.56 6.14 -17.18
CA PRO A 225 20.43 5.22 -17.94
C PRO A 225 20.99 4.08 -17.08
N ASP A 226 21.18 2.94 -17.74
CA ASP A 226 21.52 1.61 -17.15
C ASP A 226 20.32 0.97 -16.44
N PRO B 1 -2.75 24.13 29.11
CA PRO B 1 -3.56 23.99 30.33
C PRO B 1 -5.04 23.87 30.03
N ASP B 2 -5.41 24.13 28.77
CA ASP B 2 -6.81 24.22 28.40
C ASP B 2 -7.18 23.10 27.43
N ILE B 3 -8.41 22.61 27.59
CA ILE B 3 -9.03 21.63 26.71
C ILE B 3 -10.28 22.27 26.12
N SER B 4 -10.40 22.22 24.79
CA SER B 4 -11.61 22.63 24.11
C SER B 4 -12.55 21.42 24.01
N GLN B 5 -13.76 21.57 24.53
CA GLN B 5 -14.69 20.46 24.63
C GLN B 5 -15.92 20.73 23.77
N SER B 6 -16.37 19.68 23.08
CA SER B 6 -17.61 19.72 22.31
C SER B 6 -18.31 18.38 22.48
N TYR B 7 -19.53 18.31 21.98
CA TYR B 7 -20.23 17.05 21.99
C TYR B 7 -21.10 16.96 20.76
N TRP B 8 -21.32 15.74 20.30
CA TRP B 8 -22.17 15.46 19.15
C TRP B 8 -23.32 14.59 19.63
N THR B 9 -24.52 14.90 19.13
CA THR B 9 -25.70 14.10 19.40
C THR B 9 -25.74 12.97 18.37
N VAL B 10 -25.75 11.73 18.85
CA VAL B 10 -25.76 10.59 17.94
C VAL B 10 -27.09 10.61 17.18
N TRP B 11 -27.05 10.94 15.89
CA TRP B 11 -28.30 11.05 15.15
C TRP B 11 -28.23 10.42 13.76
N GLY B 12 -27.35 10.93 12.92
CA GLY B 12 -27.38 10.56 11.51
C GLY B 12 -26.85 9.17 11.21
N MET B 13 -25.70 8.85 11.80
CA MET B 13 -24.99 7.59 11.56
C MET B 13 -24.58 7.00 12.91
N ARG B 14 -24.12 5.74 12.87
CA ARG B 14 -23.64 5.07 14.08
C ARG B 14 -22.33 5.69 14.55
N LYS B 15 -21.93 5.31 15.77
CA LYS B 15 -20.78 5.95 16.42
C LYS B 15 -19.50 5.67 15.66
N ASN B 16 -19.36 4.46 15.09
CA ASN B 16 -18.12 4.12 14.39
C ASN B 16 -17.88 5.05 13.22
N GLU B 17 -18.89 5.17 12.36
CA GLU B 17 -18.78 5.97 11.15
C GLU B 17 -18.61 7.45 11.49
N ALA B 18 -19.25 7.91 12.56
CA ALA B 18 -19.07 9.31 12.95
C ALA B 18 -17.66 9.56 13.44
N LEU B 19 -17.13 8.64 14.26
CA LEU B 19 -15.76 8.76 14.75
C LEU B 19 -14.77 8.97 13.59
N VAL B 20 -14.81 8.11 12.57
CA VAL B 20 -13.95 8.26 11.40
C VAL B 20 -14.08 9.65 10.77
N ARG B 21 -15.32 10.12 10.60
CA ARG B 21 -15.55 11.48 10.07
C ARG B 21 -14.89 12.54 10.95
N PHE B 22 -15.12 12.47 12.27
CA PHE B 22 -14.56 13.49 13.17
C PHE B 22 -13.05 13.44 13.18
N LEU B 23 -12.47 12.25 13.10
CA LEU B 23 -11.02 12.14 13.11
C LEU B 23 -10.43 12.78 11.86
N GLU B 24 -10.99 12.44 10.69
CA GLU B 24 -10.52 13.01 9.43
C GLU B 24 -10.75 14.51 9.36
N ALA B 25 -11.70 15.04 10.13
CA ALA B 25 -12.21 16.38 9.88
C ALA B 25 -11.28 17.49 10.35
N GLU B 26 -10.42 17.21 11.34
CA GLU B 26 -9.52 18.21 11.89
C GLU B 26 -8.24 17.52 12.33
N ASP B 27 -7.15 18.30 12.40
CA ASP B 27 -5.86 17.72 12.76
C ASP B 27 -5.85 17.24 14.20
N PHE B 28 -5.14 16.14 14.41
CA PHE B 28 -4.82 15.66 15.72
C PHE B 28 -3.48 14.95 15.62
N ASP B 29 -2.74 14.96 16.72
CA ASP B 29 -1.45 14.27 16.79
C ASP B 29 -1.68 12.80 17.14
N ALA B 30 -2.02 12.52 18.39
CA ALA B 30 -2.56 11.23 18.77
C ALA B 30 -3.93 11.43 19.44
N ALA B 31 -4.69 10.34 19.53
CA ALA B 31 -6.02 10.40 20.11
C ALA B 31 -6.23 9.19 20.99
N ILE B 32 -7.08 9.38 22.01
CA ILE B 32 -7.54 8.30 22.86
C ILE B 32 -9.06 8.29 22.81
N ILE B 33 -9.60 7.11 22.52
CA ILE B 33 -11.03 6.87 22.40
C ILE B 33 -11.44 6.08 23.63
N PHE B 34 -12.31 6.66 24.46
CA PHE B 34 -12.73 6.05 25.71
C PHE B 34 -14.09 5.37 25.51
N VAL B 35 -14.18 4.11 25.90
CA VAL B 35 -15.38 3.30 25.69
C VAL B 35 -15.77 2.61 27.01
N ARG B 36 -17.00 2.10 27.03
CA ARG B 36 -17.58 1.57 28.28
C ARG B 36 -16.95 0.24 28.68
N THR B 37 -16.65 -0.63 27.70
CA THR B 37 -16.24 -2.01 27.97
C THR B 37 -15.16 -2.44 27.00
N LYS B 38 -14.46 -3.53 27.40
CA LYS B 38 -13.44 -4.14 26.55
C LYS B 38 -14.01 -4.55 25.20
N ASN B 39 -15.22 -5.10 25.19
CA ASN B 39 -15.79 -5.52 23.91
C ASN B 39 -15.91 -4.33 22.97
N ALA B 40 -16.24 -3.16 23.51
CA ALA B 40 -16.32 -1.98 22.67
C ALA B 40 -14.96 -1.63 22.06
N THR B 41 -13.87 -1.75 22.84
CA THR B 41 -12.53 -1.47 22.33
C THR B 41 -12.21 -2.24 21.05
N LEU B 42 -12.74 -3.46 20.93
CA LEU B 42 -12.41 -4.28 19.76
C LEU B 42 -13.22 -3.87 18.56
N GLU B 43 -14.50 -3.54 18.76
CA GLU B 43 -15.32 -3.04 17.66
C GLU B 43 -14.79 -1.72 17.12
N VAL B 44 -14.41 -0.79 18.01
CA VAL B 44 -13.83 0.48 17.55
C VAL B 44 -12.56 0.23 16.77
N ALA B 45 -11.64 -0.54 17.37
CA ALA B 45 -10.34 -0.78 16.74
C ALA B 45 -10.49 -1.31 15.33
N GLU B 46 -11.44 -2.23 15.11
CA GLU B 46 -11.59 -2.82 13.79
C GLU B 46 -12.26 -1.87 12.80
N ALA B 47 -13.12 -0.98 13.27
CA ALA B 47 -13.63 0.06 12.38
C ALA B 47 -12.54 1.04 11.99
N LEU B 48 -11.68 1.41 12.95
CA LEU B 48 -10.62 2.36 12.63
C LEU B 48 -9.61 1.75 11.67
N GLU B 49 -9.34 0.45 11.83
CA GLU B 49 -8.39 -0.23 10.94
C GLU B 49 -8.98 -0.40 9.54
N ARG B 50 -10.24 -0.83 9.43
CA ARG B 50 -10.72 -0.87 8.05
C ARG B 50 -10.99 0.55 7.47
N ASN B 51 -10.61 1.62 8.17
CA ASN B 51 -10.68 2.97 7.62
C ASN B 51 -9.31 3.65 7.51
N GLY B 52 -8.22 2.93 7.72
CA GLY B 52 -6.90 3.44 7.39
C GLY B 52 -6.12 4.11 8.51
N TYR B 53 -6.48 3.89 9.77
CA TYR B 53 -5.74 4.42 10.90
C TYR B 53 -5.01 3.29 11.61
N ASN B 54 -3.90 3.62 12.27
CA ASN B 54 -3.14 2.66 13.06
C ASN B 54 -3.59 2.81 14.51
N SER B 55 -4.36 1.84 14.99
CA SER B 55 -4.95 1.95 16.32
C SER B 55 -4.88 0.60 17.01
N ALA B 56 -5.02 0.64 18.33
CA ALA B 56 -4.98 -0.58 19.13
C ALA B 56 -5.78 -0.34 20.40
N ALA B 57 -6.21 -1.44 20.99
CA ALA B 57 -6.97 -1.40 22.23
C ALA B 57 -6.05 -1.59 23.43
N LEU B 58 -6.27 -0.78 24.47
CA LEU B 58 -5.71 -0.99 25.80
C LEU B 58 -6.82 -1.54 26.69
N ASN B 59 -6.59 -2.70 27.29
CA ASN B 59 -7.57 -3.27 28.19
C ASN B 59 -6.94 -3.59 29.53
N GLY B 60 -7.79 -3.58 30.57
CA GLY B 60 -7.30 -3.75 31.92
C GLY B 60 -6.75 -5.13 32.20
N ASP B 61 -7.26 -6.16 31.52
CA ASP B 61 -6.75 -7.50 31.70
C ASP B 61 -5.81 -7.94 30.58
N MET B 62 -5.26 -6.99 29.81
CA MET B 62 -4.41 -7.43 28.73
C MET B 62 -3.03 -7.80 29.25
N ASN B 63 -2.31 -8.57 28.45
CA ASN B 63 -0.94 -8.93 28.75
C ASN B 63 -0.10 -7.67 29.01
N GLN B 64 0.61 -7.66 30.13
CA GLN B 64 1.42 -6.49 30.49
C GLN B 64 2.54 -6.24 29.48
N ALA B 65 3.05 -7.30 28.83
CA ALA B 65 4.01 -7.10 27.75
C ALA B 65 3.38 -6.37 26.58
N LEU B 66 2.14 -6.73 26.23
CA LEU B 66 1.48 -6.04 25.13
C LEU B 66 1.14 -4.61 25.50
N ARG B 67 0.75 -4.36 26.77
CA ARG B 67 0.53 -2.99 27.22
C ARG B 67 1.76 -2.12 26.94
N GLU B 68 2.92 -2.54 27.44
CA GLU B 68 4.14 -1.75 27.27
C GLU B 68 4.52 -1.60 25.80
N GLN B 69 4.34 -2.66 25.02
CA GLN B 69 4.55 -2.57 23.58
C GLN B 69 3.62 -1.55 22.95
N THR B 70 2.31 -1.65 23.25
CA THR B 70 1.32 -0.76 22.66
C THR B 70 1.60 0.69 23.04
N LEU B 71 1.98 0.95 24.30
CA LEU B 71 2.18 2.31 24.74
C LEU B 71 3.41 2.94 24.10
N GLU B 72 4.45 2.15 23.87
CA GLU B 72 5.63 2.73 23.24
C GLU B 72 5.45 2.87 21.73
N ARG B 73 4.77 1.91 21.08
CA ARG B 73 4.40 2.08 19.68
C ARG B 73 3.57 3.35 19.48
N LEU B 74 2.79 3.75 20.48
CA LEU B 74 2.10 5.02 20.37
C LEU B 74 3.07 6.18 20.50
N LYS B 75 4.05 6.05 21.39
CA LYS B 75 5.01 7.12 21.63
C LYS B 75 5.90 7.37 20.42
N ASP B 76 6.36 6.28 19.79
CA ASP B 76 7.27 6.41 18.64
C ASP B 76 6.54 6.55 17.30
N GLY B 77 5.20 6.47 17.29
CA GLY B 77 4.44 6.81 16.11
C GLY B 77 3.97 5.65 15.25
N ARG B 78 4.23 4.41 15.64
CA ARG B 78 3.60 3.29 14.94
C ARG B 78 2.11 3.20 15.21
N LEU B 79 1.61 3.91 16.22
CA LEU B 79 0.18 4.02 16.49
C LEU B 79 -0.17 5.50 16.64
N ASP B 80 -1.38 5.85 16.24
CA ASP B 80 -1.89 7.20 16.46
C ASP B 80 -3.11 7.23 17.37
N ILE B 81 -3.74 6.08 17.63
CA ILE B 81 -5.03 6.02 18.29
C ILE B 81 -5.07 4.84 19.24
N LEU B 82 -5.38 5.09 20.50
CA LEU B 82 -5.68 4.01 21.42
C LEU B 82 -7.16 4.03 21.77
N ILE B 83 -7.73 2.83 21.87
CA ILE B 83 -9.10 2.63 22.34
C ILE B 83 -9.00 2.03 23.73
N ALA B 84 -9.52 2.74 24.72
CA ALA B 84 -9.28 2.38 26.11
C ALA B 84 -10.56 2.47 26.93
N THR B 85 -10.61 1.65 27.98
CA THR B 85 -11.54 1.77 29.09
C THR B 85 -10.90 2.57 30.21
N ASP B 86 -11.75 3.09 31.11
CA ASP B 86 -11.25 3.77 32.30
C ASP B 86 -10.24 2.91 33.05
N VAL B 87 -10.50 1.60 33.18
CA VAL B 87 -9.58 0.74 33.93
C VAL B 87 -8.22 0.71 33.25
N ALA B 88 -8.18 0.47 31.94
CA ALA B 88 -6.92 0.28 31.23
C ALA B 88 -6.07 1.54 31.21
N ALA B 89 -6.70 2.71 31.12
CA ALA B 89 -5.98 3.96 30.89
C ALA B 89 -5.54 4.64 32.16
N ARG B 90 -5.67 4.01 33.31
CA ARG B 90 -5.19 4.66 34.53
C ARG B 90 -3.68 4.49 34.59
N GLY B 91 -2.98 5.57 34.91
CA GLY B 91 -1.53 5.56 34.84
C GLY B 91 -0.98 5.89 33.47
N LEU B 92 -1.72 6.65 32.67
CA LEU B 92 -1.35 6.89 31.29
C LEU B 92 -0.98 8.37 31.14
N ASP B 93 0.31 8.63 31.02
CA ASP B 93 0.82 9.94 30.63
C ASP B 93 1.51 9.78 29.29
N VAL B 94 0.87 10.25 28.22
CA VAL B 94 1.43 10.19 26.88
C VAL B 94 1.22 11.54 26.20
N GLU B 95 2.30 12.26 25.93
CA GLU B 95 2.19 13.66 25.53
C GLU B 95 1.75 13.84 24.07
N ARG B 96 1.80 12.79 23.24
CA ARG B 96 1.29 12.91 21.88
C ARG B 96 -0.22 13.19 21.85
N ILE B 97 -0.94 12.69 22.86
CA ILE B 97 -2.39 12.76 22.86
C ILE B 97 -2.83 14.21 22.77
N SER B 98 -3.48 14.57 21.66
CA SER B 98 -4.07 15.89 21.50
C SER B 98 -5.59 15.84 21.42
N LEU B 99 -6.17 14.65 21.25
CA LEU B 99 -7.62 14.49 21.12
C LEU B 99 -8.10 13.38 22.05
N VAL B 100 -9.14 13.67 22.82
CA VAL B 100 -9.81 12.69 23.67
C VAL B 100 -11.25 12.59 23.22
N VAL B 101 -11.67 11.38 22.87
CA VAL B 101 -13.03 11.12 22.44
C VAL B 101 -13.72 10.31 23.53
N ASN B 102 -14.75 10.88 24.14
CA ASN B 102 -15.66 10.13 25.00
C ASN B 102 -16.66 9.43 24.10
N TYR B 103 -16.24 8.28 23.59
CA TYR B 103 -17.08 7.49 22.69
C TYR B 103 -18.33 6.99 23.42
N ASP B 104 -18.19 6.55 24.67
CA ASP B 104 -19.32 6.22 25.54
C ASP B 104 -19.36 7.23 26.68
N ILE B 105 -20.48 7.89 26.87
CA ILE B 105 -20.53 8.92 27.92
C ILE B 105 -20.51 8.24 29.29
N PRO B 106 -19.67 8.70 30.23
CA PRO B 106 -19.65 8.08 31.56
C PRO B 106 -20.83 8.50 32.41
N MET B 107 -21.09 7.69 33.45
CA MET B 107 -22.09 8.04 34.45
C MET B 107 -21.45 8.87 35.56
N ASP B 108 -20.35 8.36 36.10
CA ASP B 108 -19.46 9.12 36.96
C ASP B 108 -18.95 10.34 36.19
N SER B 109 -19.32 11.54 36.64
CA SER B 109 -18.95 12.73 35.87
C SER B 109 -17.50 13.13 36.07
N GLU B 110 -16.85 12.67 37.15
CA GLU B 110 -15.41 12.88 37.31
C GLU B 110 -14.59 11.85 36.55
N SER B 111 -15.24 10.81 36.01
CA SER B 111 -14.58 10.02 34.99
C SER B 111 -14.40 10.84 33.72
N TYR B 112 -15.40 11.64 33.37
CA TYR B 112 -15.26 12.59 32.27
C TYR B 112 -14.01 13.45 32.43
N VAL B 113 -13.85 14.08 33.61
CA VAL B 113 -12.76 15.03 33.79
C VAL B 113 -11.41 14.32 33.74
N HIS B 114 -11.31 13.18 34.41
CA HIS B 114 -10.04 12.46 34.34
C HIS B 114 -9.75 11.98 32.92
N ARG B 115 -10.79 11.79 32.10
CA ARG B 115 -10.58 11.33 30.73
C ARG B 115 -10.00 12.45 29.86
N ILE B 116 -10.62 13.64 29.89
CA ILE B 116 -10.13 14.72 29.06
C ILE B 116 -8.82 15.29 29.57
N GLY B 117 -8.43 14.94 30.78
CA GLY B 117 -7.12 15.34 31.27
C GLY B 117 -5.95 14.55 30.73
N ARG B 118 -6.20 13.51 29.93
CA ARG B 118 -5.12 12.82 29.23
C ARG B 118 -4.55 13.66 28.08
N THR B 119 -5.12 14.83 27.83
CA THR B 119 -4.62 15.78 26.84
C THR B 119 -4.61 17.17 27.47
N GLY B 120 -4.03 18.14 26.77
CA GLY B 120 -3.79 19.45 27.32
C GLY B 120 -2.92 19.42 28.56
N ARG B 121 -2.36 18.24 28.84
CA ARG B 121 -1.49 18.03 29.99
C ARG B 121 -0.19 18.80 29.89
N ALA B 122 0.27 19.12 28.67
CA ALA B 122 1.43 19.98 28.45
C ALA B 122 1.05 21.45 28.62
N GLY B 123 1.92 22.33 28.16
CA GLY B 123 1.48 23.68 27.87
C GLY B 123 0.63 23.79 26.62
N ARG B 124 0.60 22.74 25.80
CA ARG B 124 -0.17 22.73 24.56
C ARG B 124 -1.67 22.63 24.85
N ALA B 125 -2.48 23.09 23.90
CA ALA B 125 -3.93 22.99 23.97
C ALA B 125 -4.40 21.76 23.23
N GLY B 126 -5.28 20.98 23.87
CA GLY B 126 -5.87 19.80 23.26
C GLY B 126 -7.37 19.95 23.05
N ARG B 127 -7.98 18.88 22.54
CA ARG B 127 -9.42 18.89 22.30
C ARG B 127 -10.07 17.62 22.83
N ALA B 128 -11.33 17.75 23.25
CA ALA B 128 -12.13 16.63 23.73
C ALA B 128 -13.49 16.64 23.05
N LEU B 129 -13.90 15.46 22.57
CA LEU B 129 -15.17 15.32 21.88
C LEU B 129 -15.98 14.21 22.52
N LEU B 130 -17.23 14.51 22.84
CA LEU B 130 -18.11 13.64 23.60
C LEU B 130 -19.28 13.18 22.72
N PHE B 131 -19.53 11.86 22.67
CA PHE B 131 -20.70 11.32 21.98
C PHE B 131 -21.85 11.13 22.98
N VAL B 132 -23.01 11.68 22.64
CA VAL B 132 -24.16 11.66 23.52
C VAL B 132 -25.36 11.10 22.75
N GLU B 133 -25.92 9.98 23.21
CA GLU B 133 -27.17 9.52 22.64
C GLU B 133 -28.32 10.35 23.21
N ASN B 134 -29.42 10.44 22.46
CA ASN B 134 -30.56 11.22 22.97
C ASN B 134 -31.08 10.60 24.26
N ARG B 135 -31.01 9.27 24.37
CA ARG B 135 -31.29 8.58 25.62
C ARG B 135 -30.41 9.06 26.78
N GLU B 136 -29.29 9.72 26.49
CA GLU B 136 -28.27 9.98 27.50
C GLU B 136 -28.21 11.45 27.93
N ARG B 137 -29.17 12.29 27.49
CA ARG B 137 -29.12 13.73 27.80
C ARG B 137 -28.90 14.00 29.28
N ARG B 138 -29.54 13.19 30.14
CA ARG B 138 -29.41 13.33 31.58
C ARG B 138 -27.97 13.31 32.03
N LEU B 139 -27.17 12.37 31.49
CA LEU B 139 -25.76 12.29 31.90
C LEU B 139 -24.94 13.45 31.33
N LEU B 140 -25.29 13.95 30.15
CA LEU B 140 -24.68 15.18 29.67
C LEU B 140 -24.93 16.33 30.64
N ARG B 141 -26.20 16.57 31.02
CA ARG B 141 -26.52 17.55 32.05
C ARG B 141 -25.75 17.27 33.34
N ASN B 142 -25.64 16.00 33.73
CA ASN B 142 -24.81 15.66 34.89
C ASN B 142 -23.40 16.21 34.70
N ILE B 143 -22.75 15.88 33.57
CA ILE B 143 -21.41 16.38 33.29
C ILE B 143 -21.40 17.91 33.33
N GLU B 144 -22.34 18.53 32.61
CA GLU B 144 -22.33 19.96 32.39
C GLU B 144 -22.65 20.79 33.63
N ARG B 145 -23.05 20.17 34.74
CA ARG B 145 -23.09 20.88 36.01
C ARG B 145 -21.99 20.45 36.97
N THR B 146 -21.60 19.18 36.96
CA THR B 146 -20.45 18.72 37.74
C THR B 146 -19.24 19.61 37.50
N MET B 147 -19.06 20.06 36.28
CA MET B 147 -18.26 21.23 35.97
C MET B 147 -19.23 22.30 35.52
N LYS B 148 -19.00 23.54 35.93
CA LYS B 148 -20.01 24.56 35.70
C LYS B 148 -20.11 24.99 34.23
N LEU B 149 -19.41 24.29 33.34
CA LEU B 149 -19.38 24.64 31.92
C LEU B 149 -20.54 24.01 31.17
N THR B 150 -21.03 24.72 30.17
CA THR B 150 -21.90 24.14 29.14
C THR B 150 -21.00 23.64 28.01
N ILE B 151 -21.23 22.41 27.55
CA ILE B 151 -20.47 21.82 26.46
C ILE B 151 -21.16 22.19 25.16
N PRO B 152 -20.50 22.88 24.22
CA PRO B 152 -21.15 23.23 22.96
C PRO B 152 -21.34 22.02 22.06
N GLU B 153 -22.46 22.00 21.37
CA GLU B 153 -22.81 20.92 20.45
C GLU B 153 -22.26 21.19 19.07
N VAL B 154 -21.51 20.24 18.51
CA VAL B 154 -21.09 20.31 17.11
C VAL B 154 -22.02 19.46 16.26
N GLU B 155 -21.99 19.72 14.96
CA GLU B 155 -22.65 18.87 13.98
C GLU B 155 -21.67 17.82 13.48
N LEU B 156 -22.20 16.83 12.77
CA LEU B 156 -21.37 15.84 12.08
C LEU B 156 -20.69 16.52 10.89
N PRO B 157 -19.36 16.39 10.73
CA PRO B 157 -18.69 17.01 9.57
C PRO B 157 -19.24 16.47 8.26
N ASN B 158 -19.58 17.38 7.35
CA ASN B 158 -20.30 17.03 6.13
C ASN B 158 -19.34 16.68 5.00
N ALA B 159 -19.90 16.11 3.93
CA ALA B 159 -19.13 15.72 2.75
C ALA B 159 -18.27 16.86 2.25
N GLU B 160 -18.83 18.07 2.19
CA GLU B 160 -18.09 19.19 1.63
C GLU B 160 -16.87 19.51 2.47
N LEU B 161 -17.02 19.41 3.79
CA LEU B 161 -15.89 19.61 4.70
C LEU B 161 -14.80 18.57 4.45
N LEU B 162 -15.21 17.29 4.37
CA LEU B 162 -14.23 16.22 4.18
C LEU B 162 -13.53 16.35 2.83
N GLY B 163 -14.27 16.70 1.77
CA GLY B 163 -13.63 16.95 0.49
C GLY B 163 -12.58 18.06 0.56
N LYS B 164 -12.90 19.15 1.25
CA LYS B 164 -11.92 20.23 1.38
C LYS B 164 -10.70 19.77 2.18
N ARG B 165 -10.90 19.00 3.26
CA ARG B 165 -9.77 18.46 4.01
C ARG B 165 -8.90 17.55 3.15
N ARG B 166 -9.52 16.74 2.31
CA ARG B 166 -8.76 15.85 1.44
C ARG B 166 -7.99 16.62 0.39
N LEU B 167 -8.68 17.56 -0.28
CA LEU B 167 -8.04 18.40 -1.28
C LEU B 167 -6.83 19.13 -0.70
N GLU B 168 -7.00 19.70 0.50
CA GLU B 168 -5.92 20.48 1.10
C GLU B 168 -4.70 19.62 1.43
N LYS B 169 -4.89 18.39 1.90
CA LYS B 169 -3.71 17.55 2.11
C LYS B 169 -3.14 17.06 0.79
N PHE B 170 -3.99 16.78 -0.20
CA PHE B 170 -3.48 16.41 -1.51
C PHE B 170 -2.67 17.54 -2.11
N ALA B 171 -3.19 18.77 -2.05
CA ALA B 171 -2.47 19.91 -2.63
C ALA B 171 -1.09 20.04 -2.04
N ALA B 172 -0.90 19.62 -0.79
CA ALA B 172 0.39 19.70 -0.14
C ALA B 172 1.38 18.69 -0.73
N LYS B 173 0.90 17.51 -1.13
CA LYS B 173 1.81 16.60 -1.82
C LYS B 173 2.11 17.10 -3.23
N VAL B 174 1.10 17.65 -3.92
CA VAL B 174 1.34 18.28 -5.21
C VAL B 174 2.47 19.28 -5.10
N GLN B 175 2.40 20.14 -4.06
CA GLN B 175 3.36 21.21 -3.90
C GLN B 175 4.78 20.69 -3.71
N GLN B 176 4.96 19.60 -2.97
CA GLN B 176 6.31 19.08 -2.83
C GLN B 176 6.80 18.44 -4.13
N GLN B 177 5.88 18.04 -5.02
CA GLN B 177 6.29 17.50 -6.31
C GLN B 177 6.65 18.59 -7.31
N LEU B 178 6.07 19.79 -7.19
CA LEU B 178 6.46 20.86 -8.11
C LEU B 178 7.88 21.32 -7.85
N GLU B 179 8.33 21.24 -6.59
CA GLU B 179 9.70 21.56 -6.23
C GLU B 179 10.68 20.51 -6.76
N SER B 180 10.18 19.52 -7.51
CA SER B 180 11.08 18.55 -8.10
C SER B 180 12.00 19.21 -9.13
N SER B 181 13.08 18.50 -9.45
CA SER B 181 14.02 19.00 -10.45
C SER B 181 13.73 18.42 -11.83
N ASP B 182 13.39 17.14 -11.92
CA ASP B 182 13.13 16.46 -13.19
C ASP B 182 11.74 16.77 -13.79
N LEU B 183 11.03 17.76 -13.25
CA LEU B 183 9.65 18.02 -13.67
C LEU B 183 9.53 18.20 -15.18
N ASP B 184 10.58 18.72 -15.83
CA ASP B 184 10.51 19.01 -17.26
C ASP B 184 10.49 17.73 -18.09
N GLN B 185 11.20 16.69 -17.65
CA GLN B 185 11.11 15.44 -18.37
C GLN B 185 9.68 14.91 -18.37
N TYR B 186 8.96 15.11 -17.26
CA TYR B 186 7.56 14.69 -17.22
C TYR B 186 6.68 15.50 -18.14
N ARG B 187 6.98 16.81 -18.32
CA ARG B 187 6.19 17.62 -19.26
C ARG B 187 6.16 17.00 -20.63
N ALA B 188 7.30 16.42 -21.06
CA ALA B 188 7.43 15.88 -22.40
C ALA B 188 6.61 14.61 -22.59
N LEU B 189 6.26 13.94 -21.49
CA LEU B 189 5.47 12.71 -21.60
C LEU B 189 3.98 12.99 -21.72
N LEU B 190 3.53 14.21 -21.41
CA LEU B 190 2.10 14.50 -21.44
C LEU B 190 1.51 14.25 -22.82
N SER B 191 2.23 14.64 -23.86
CA SER B 191 1.76 14.36 -25.21
C SER B 191 1.82 12.87 -25.54
N LYS B 192 2.74 12.15 -24.94
CA LYS B 192 2.88 10.73 -25.22
C LYS B 192 1.83 9.87 -24.54
N ILE B 193 1.19 10.36 -23.46
CA ILE B 193 0.20 9.53 -22.78
C ILE B 193 -1.09 9.42 -23.56
N GLN B 194 -1.33 10.35 -24.48
CA GLN B 194 -2.74 10.55 -24.82
C GLN B 194 -3.17 9.77 -26.05
N PRO B 195 -4.38 9.20 -25.95
CA PRO B 195 -4.93 8.40 -27.05
C PRO B 195 -5.28 9.27 -28.25
N THR B 196 -4.60 9.00 -29.36
CA THR B 196 -4.77 9.72 -30.62
C THR B 196 -5.35 8.83 -31.71
N ALA B 197 -5.82 7.63 -31.36
CA ALA B 197 -6.13 6.65 -32.40
C ALA B 197 -7.57 6.70 -32.89
N GLU B 198 -8.53 7.04 -32.03
CA GLU B 198 -9.95 7.03 -32.41
C GLU B 198 -10.56 8.41 -32.54
N GLY B 199 -10.08 9.37 -31.75
CA GLY B 199 -10.55 10.74 -31.75
C GLY B 199 -9.57 11.64 -31.03
N GLU B 200 -8.76 12.35 -31.81
CA GLU B 200 -7.56 13.01 -31.33
C GLU B 200 -7.81 14.49 -31.13
N GLU B 201 -7.68 14.97 -29.90
CA GLU B 201 -7.26 16.35 -29.68
C GLU B 201 -6.54 16.42 -28.34
N LEU B 202 -5.22 16.64 -28.39
CA LEU B 202 -4.38 16.87 -27.21
C LEU B 202 -5.03 17.85 -26.26
N ASP B 203 -5.89 17.34 -25.36
CA ASP B 203 -6.72 18.12 -24.46
C ASP B 203 -6.10 18.06 -23.06
N LEU B 204 -5.20 19.01 -22.78
CA LEU B 204 -4.41 18.99 -21.56
C LEU B 204 -5.28 18.94 -20.32
N GLU B 205 -6.39 19.70 -20.32
CA GLU B 205 -7.23 19.74 -19.14
C GLU B 205 -7.95 18.42 -18.89
N THR B 206 -8.37 17.73 -19.94
CA THR B 206 -9.03 16.45 -19.72
C THR B 206 -8.01 15.39 -19.29
N LEU B 207 -6.79 15.45 -19.84
CA LEU B 207 -5.73 14.58 -19.36
C LEU B 207 -5.45 14.83 -17.89
N ALA B 208 -5.29 16.11 -17.50
CA ALA B 208 -4.95 16.39 -16.11
C ALA B 208 -6.03 15.95 -15.15
N ALA B 209 -7.29 15.96 -15.58
CA ALA B 209 -8.33 15.45 -14.69
C ALA B 209 -8.25 13.93 -14.55
N ALA B 210 -7.87 13.23 -15.62
CA ALA B 210 -7.63 11.80 -15.49
C ALA B 210 -6.44 11.52 -14.56
N LEU B 211 -5.40 12.34 -14.66
CA LEU B 211 -4.22 12.15 -13.84
C LEU B 211 -4.49 12.47 -12.38
N LEU B 212 -5.31 13.49 -12.12
CA LEU B 212 -5.71 13.76 -10.73
C LEU B 212 -6.42 12.56 -10.13
N LYS B 213 -7.29 11.91 -10.90
CA LYS B 213 -8.03 10.79 -10.36
C LYS B 213 -7.11 9.62 -10.04
N MET B 214 -6.05 9.46 -10.83
CA MET B 214 -5.11 8.39 -10.62
C MET B 214 -4.14 8.72 -9.50
N ALA B 215 -3.89 10.01 -9.25
CA ALA B 215 -2.96 10.45 -8.20
C ALA B 215 -3.62 10.59 -6.84
N GLN B 216 -4.94 10.64 -6.75
CA GLN B 216 -5.55 10.86 -5.47
C GLN B 216 -5.33 9.62 -4.61
N GLY B 217 -5.22 9.83 -3.31
CA GLY B 217 -5.00 8.65 -2.48
C GLY B 217 -6.17 7.67 -2.43
N GLU B 218 -6.22 6.86 -1.36
CA GLU B 218 -7.39 6.03 -1.11
C GLU B 218 -8.59 6.88 -0.71
N ARG B 219 -8.34 8.05 -0.13
CA ARG B 219 -9.42 8.94 0.28
C ARG B 219 -9.81 9.78 -0.94
N THR B 220 -10.87 9.33 -1.63
CA THR B 220 -11.31 10.00 -2.86
C THR B 220 -11.59 11.47 -2.62
N LEU B 221 -11.18 12.31 -3.56
CA LEU B 221 -11.43 13.75 -3.47
C LEU B 221 -12.87 14.12 -3.82
N ILE B 222 -13.64 13.21 -4.39
CA ILE B 222 -15.06 13.42 -4.64
C ILE B 222 -15.80 12.64 -3.58
N VAL B 223 -16.20 13.33 -2.52
CA VAL B 223 -16.91 12.67 -1.42
C VAL B 223 -18.39 12.56 -1.79
N PRO B 224 -19.00 11.39 -1.68
CA PRO B 224 -20.41 11.20 -2.11
C PRO B 224 -21.34 12.22 -1.47
N PRO B 225 -22.36 12.68 -2.20
CA PRO B 225 -23.12 13.87 -1.78
C PRO B 225 -23.54 13.92 -0.31
N ASP B 226 -23.94 12.80 0.30
CA ASP B 226 -24.47 12.82 1.66
C ASP B 226 -23.87 11.71 2.54
N ALA B 227 -23.65 12.00 3.83
CA ALA B 227 -24.06 13.27 4.47
C ALA B 227 -23.13 14.43 4.11
#